data_4ZLD
#
_entry.id   4ZLD
#
_cell.length_a   59.236
_cell.length_b   89.955
_cell.length_c   84.632
_cell.angle_alpha   90.00
_cell.angle_beta   90.00
_cell.angle_gamma   90.00
#
_symmetry.space_group_name_H-M   'C 2 2 21'
#
loop_
_entity.id
_entity.type
_entity.pdbx_description
1 polymer Roquin-2
2 polymer "RNA (5'-R(*UP*AP*AP*CP*UP*UP*CP*UP*GP*UP*GP*AP*AP*GP*UP*UP*G)-3')"
3 non-polymer GLYCEROL
4 water water
#
loop_
_entity_poly.entity_id
_entity_poly.type
_entity_poly.pdbx_seq_one_letter_code
_entity_poly.pdbx_strand_id
1 'polypeptide(L)'
;QNPQQLSANLWAAVRARGCQFLGPAMQEEALKLVLLALEDGSALSRKVLVLFVVQRLEPRFPQASKTSIGHVVQLLYRAS
CFKVTKRDEDSSLMQLKEEFRSYEALRREHDAQIVHIAMEAGLRISPEQWSSLLYGDLAHKSHMQSIIDKLQSPE
;
A
2 'polyribonucleotide' UAACUUCUGUGAAGUUG B
#
loop_
_chem_comp.id
_chem_comp.type
_chem_comp.name
_chem_comp.formula
A RNA linking ADENOSINE-5'-MONOPHOSPHATE 'C10 H14 N5 O7 P'
C RNA linking CYTIDINE-5'-MONOPHOSPHATE 'C9 H14 N3 O8 P'
G RNA linking GUANOSINE-5'-MONOPHOSPHATE 'C10 H14 N5 O8 P'
GOL non-polymer GLYCEROL 'C3 H8 O3'
U RNA linking URIDINE-5'-MONOPHOSPHATE 'C9 H13 N2 O9 P'
#
# COMPACT_ATOMS: atom_id res chain seq x y z
N GLN A 1 -9.04 23.72 -1.71
CA GLN A 1 -10.01 22.62 -1.39
C GLN A 1 -10.13 22.39 0.11
N ASN A 2 -11.34 22.03 0.55
CA ASN A 2 -11.58 21.65 1.93
C ASN A 2 -11.15 20.19 2.16
N PRO A 3 -11.08 19.76 3.44
CA PRO A 3 -10.59 18.42 3.73
C PRO A 3 -11.35 17.30 3.00
N GLN A 4 -12.65 17.47 2.86
N GLN A 4 -12.66 17.44 2.88
CA GLN A 4 -13.50 16.46 2.25
CA GLN A 4 -13.50 16.43 2.21
C GLN A 4 -13.22 16.32 0.74
C GLN A 4 -13.16 16.30 0.74
N GLN A 5 -12.99 17.44 0.08
CA GLN A 5 -12.66 17.44 -1.34
C GLN A 5 -11.27 16.85 -1.57
N LEU A 6 -10.32 17.20 -0.70
CA LEU A 6 -8.97 16.65 -0.80
C LEU A 6 -8.99 15.14 -0.65
N SER A 7 -9.74 14.65 0.33
CA SER A 7 -9.85 13.20 0.55
C SER A 7 -10.45 12.48 -0.65
N ALA A 8 -11.58 13.00 -1.15
CA ALA A 8 -12.24 12.39 -2.29
C ALA A 8 -11.37 12.41 -3.55
N ASN A 9 -10.68 13.54 -3.79
CA ASN A 9 -9.81 13.63 -4.94
C ASN A 9 -8.61 12.70 -4.81
N LEU A 10 -8.12 12.53 -3.58
CA LEU A 10 -6.99 11.62 -3.34
C LEU A 10 -7.40 10.19 -3.69
N TRP A 11 -8.53 9.75 -3.17
CA TRP A 11 -8.89 8.36 -3.40
C TRP A 11 -9.25 8.13 -4.88
N ALA A 12 -9.83 9.13 -5.53
CA ALA A 12 -10.00 9.06 -6.98
C ALA A 12 -8.68 8.85 -7.72
N ALA A 13 -7.63 9.55 -7.31
CA ALA A 13 -6.33 9.44 -7.97
C ALA A 13 -5.71 8.06 -7.73
N VAL A 14 -5.82 7.59 -6.49
CA VAL A 14 -5.31 6.27 -6.11
C VAL A 14 -6.05 5.19 -6.93
N ARG A 15 -7.37 5.27 -6.95
CA ARG A 15 -8.16 4.28 -7.69
C ARG A 15 -7.93 4.34 -9.20
N ALA A 16 -7.68 5.54 -9.73
CA ALA A 16 -7.40 5.69 -11.16
C ALA A 16 -6.15 4.91 -11.58
N ARG A 17 -5.24 4.69 -10.63
CA ARG A 17 -4.02 3.96 -10.85
C ARG A 17 -4.13 2.45 -10.55
N GLY A 18 -5.35 1.98 -10.31
CA GLY A 18 -5.57 0.56 -10.02
C GLY A 18 -5.16 0.18 -8.62
N CYS A 19 -5.06 1.18 -7.75
CA CYS A 19 -4.64 0.98 -6.37
C CYS A 19 -5.82 1.24 -5.43
N GLN A 20 -5.68 0.87 -4.16
CA GLN A 20 -6.71 1.18 -3.15
C GLN A 20 -6.10 1.21 -1.77
N PHE A 21 -6.60 2.13 -0.96
CA PHE A 21 -6.38 2.14 0.46
C PHE A 21 -7.69 1.65 1.08
N LEU A 22 -7.61 0.55 1.82
CA LEU A 22 -8.81 -0.14 2.32
C LEU A 22 -9.33 0.39 3.67
N GLY A 23 -8.60 1.29 4.29
CA GLY A 23 -8.90 1.79 5.62
C GLY A 23 -7.71 1.49 6.51
N PRO A 24 -7.53 2.27 7.60
CA PRO A 24 -6.30 2.11 8.36
C PRO A 24 -6.07 0.72 8.94
N ALA A 25 -7.06 0.14 9.60
CA ALA A 25 -6.84 -1.18 10.22
C ALA A 25 -6.61 -2.27 9.17
N MET A 26 -7.46 -2.34 8.16
CA MET A 26 -7.33 -3.39 7.16
C MET A 26 -6.04 -3.25 6.37
N GLN A 27 -5.64 -2.02 6.04
CA GLN A 27 -4.43 -1.83 5.23
C GLN A 27 -3.22 -2.34 6.00
N GLU A 28 -3.15 -2.01 7.29
CA GLU A 28 -2.07 -2.47 8.16
C GLU A 28 -2.00 -4.01 8.17
N GLU A 29 -3.14 -4.67 8.37
N GLU A 29 -3.14 -4.67 8.37
CA GLU A 29 -3.16 -6.13 8.40
CA GLU A 29 -3.11 -6.13 8.38
C GLU A 29 -2.78 -6.74 7.04
C GLU A 29 -2.68 -6.68 7.03
N ALA A 30 -3.20 -6.11 5.95
CA ALA A 30 -2.84 -6.60 4.62
C ALA A 30 -1.32 -6.52 4.40
N LEU A 31 -0.72 -5.41 4.79
CA LEU A 31 0.73 -5.22 4.63
C LEU A 31 1.53 -6.20 5.51
N LYS A 32 1.05 -6.44 6.73
CA LYS A 32 1.67 -7.44 7.60
C LYS A 32 1.65 -8.84 7.00
N LEU A 33 0.57 -9.18 6.28
CA LEU A 33 0.49 -10.46 5.61
C LEU A 33 1.38 -10.57 4.37
N VAL A 34 1.49 -9.48 3.60
CA VAL A 34 2.48 -9.44 2.52
C VAL A 34 3.87 -9.75 3.10
N LEU A 35 4.22 -9.13 4.23
N LEU A 35 4.21 -9.14 4.23
CA LEU A 35 5.48 -9.42 4.91
CA LEU A 35 5.50 -9.38 4.87
C LEU A 35 5.60 -10.87 5.32
C LEU A 35 5.62 -10.81 5.39
N LEU A 36 4.54 -11.39 5.92
CA LEU A 36 4.56 -12.76 6.39
C LEU A 36 4.93 -13.68 5.21
N ALA A 37 4.39 -13.41 4.04
CA ALA A 37 4.66 -14.24 2.86
C ALA A 37 6.06 -14.02 2.28
N LEU A 38 6.56 -12.77 2.30
CA LEU A 38 7.72 -12.40 1.51
C LEU A 38 8.97 -11.99 2.28
N GLU A 39 8.86 -11.80 3.59
CA GLU A 39 10.02 -11.36 4.37
C GLU A 39 11.21 -12.30 4.26
N ASP A 40 10.97 -13.59 4.03
CA ASP A 40 12.06 -14.56 3.96
C ASP A 40 12.65 -14.76 2.55
N GLY A 41 12.22 -13.95 1.60
CA GLY A 41 12.69 -14.04 0.23
C GLY A 41 11.97 -15.00 -0.69
N SER A 42 10.86 -15.58 -0.24
CA SER A 42 10.01 -16.37 -1.13
C SER A 42 9.61 -15.57 -2.36
N ALA A 43 9.53 -16.26 -3.49
CA ALA A 43 9.19 -15.66 -4.78
C ALA A 43 7.83 -16.14 -5.23
N LEU A 44 6.81 -15.33 -5.02
CA LEU A 44 5.44 -15.69 -5.30
C LEU A 44 4.93 -15.00 -6.55
N SER A 45 4.09 -15.70 -7.30
CA SER A 45 3.33 -15.04 -8.36
C SER A 45 2.41 -14.02 -7.72
N ARG A 46 1.97 -13.05 -8.50
CA ARG A 46 0.98 -12.09 -8.01
C ARG A 46 -0.27 -12.84 -7.52
N LYS A 47 -0.73 -13.84 -8.26
CA LYS A 47 -1.93 -14.61 -7.88
C LYS A 47 -1.76 -15.30 -6.52
N VAL A 48 -0.59 -15.93 -6.30
CA VAL A 48 -0.39 -16.66 -5.03
C VAL A 48 -0.21 -15.71 -3.85
N LEU A 49 0.47 -14.58 -4.08
CA LEU A 49 0.57 -13.55 -3.06
C LEU A 49 -0.83 -13.07 -2.62
N VAL A 50 -1.67 -12.75 -3.59
CA VAL A 50 -3.02 -12.31 -3.29
C VAL A 50 -3.80 -13.41 -2.56
N LEU A 51 -3.69 -14.67 -2.99
CA LEU A 51 -4.39 -15.76 -2.30
C LEU A 51 -3.97 -15.89 -0.83
N PHE A 52 -2.66 -15.80 -0.60
CA PHE A 52 -2.11 -15.89 0.74
C PHE A 52 -2.75 -14.84 1.64
N VAL A 53 -2.77 -13.60 1.15
CA VAL A 53 -3.27 -12.49 1.95
C VAL A 53 -4.79 -12.55 2.12
N VAL A 54 -5.52 -12.74 1.02
CA VAL A 54 -6.98 -12.73 1.05
C VAL A 54 -7.53 -13.76 2.05
N GLN A 55 -7.01 -14.98 1.98
CA GLN A 55 -7.53 -16.10 2.78
C GLN A 55 -7.40 -15.79 4.28
N ARG A 56 -6.33 -15.10 4.65
CA ARG A 56 -6.10 -14.78 6.05
C ARG A 56 -6.92 -13.57 6.52
N LEU A 57 -7.30 -12.67 5.62
CA LEU A 57 -8.12 -11.53 5.99
C LEU A 57 -9.62 -11.78 5.98
N GLU A 58 -10.06 -12.73 5.17
CA GLU A 58 -11.49 -12.98 4.95
C GLU A 58 -12.29 -13.16 6.24
N PRO A 59 -11.74 -13.92 7.22
CA PRO A 59 -12.54 -14.11 8.45
C PRO A 59 -12.92 -12.80 9.15
N ARG A 60 -12.01 -11.85 9.20
CA ARG A 60 -12.21 -10.60 9.91
C ARG A 60 -12.77 -9.44 9.06
N PHE A 61 -12.48 -9.45 7.76
CA PHE A 61 -12.75 -8.31 6.88
C PHE A 61 -13.61 -8.71 5.68
N PRO A 62 -14.93 -8.40 5.73
CA PRO A 62 -15.84 -8.66 4.61
C PRO A 62 -15.41 -7.97 3.29
N GLN A 63 -14.60 -6.92 3.43
CA GLN A 63 -14.04 -6.23 2.26
C GLN A 63 -13.00 -7.06 1.50
N ALA A 64 -12.41 -8.06 2.14
CA ALA A 64 -11.31 -8.82 1.55
C ALA A 64 -11.77 -9.64 0.38
N SER A 65 -11.09 -9.46 -0.74
CA SER A 65 -11.29 -10.23 -1.97
C SER A 65 -10.03 -10.21 -2.79
N LYS A 66 -9.96 -11.08 -3.80
CA LYS A 66 -8.89 -11.00 -4.77
C LYS A 66 -8.80 -9.58 -5.37
N THR A 67 -9.95 -8.95 -5.63
CA THR A 67 -9.96 -7.60 -6.18
C THR A 67 -9.34 -6.58 -5.22
N SER A 68 -9.82 -6.55 -3.99
CA SER A 68 -9.40 -5.48 -3.09
C SER A 68 -7.95 -5.66 -2.67
N ILE A 69 -7.55 -6.91 -2.39
CA ILE A 69 -6.15 -7.17 -2.05
C ILE A 69 -5.24 -6.96 -3.27
N GLY A 70 -5.71 -7.30 -4.46
CA GLY A 70 -4.97 -7.00 -5.68
C GLY A 70 -4.64 -5.52 -5.78
N HIS A 71 -5.58 -4.67 -5.37
CA HIS A 71 -5.34 -3.22 -5.41
C HIS A 71 -4.23 -2.77 -4.48
N VAL A 72 -4.15 -3.41 -3.31
CA VAL A 72 -3.06 -3.16 -2.37
C VAL A 72 -1.71 -3.63 -2.90
N VAL A 73 -1.68 -4.83 -3.46
CA VAL A 73 -0.48 -5.33 -4.13
C VAL A 73 -0.04 -4.41 -5.28
N GLN A 74 -1.00 -3.87 -6.01
CA GLN A 74 -0.67 -2.95 -7.11
C GLN A 74 -0.02 -1.69 -6.57
N LEU A 75 -0.49 -1.22 -5.43
CA LEU A 75 0.09 -0.04 -4.81
C LEU A 75 1.56 -0.28 -4.46
N LEU A 76 1.84 -1.44 -3.89
CA LEU A 76 3.22 -1.79 -3.57
C LEU A 76 4.05 -1.98 -4.85
N TYR A 77 3.42 -2.54 -5.88
CA TYR A 77 4.08 -2.72 -7.17
C TYR A 77 4.49 -1.37 -7.78
N ARG A 78 3.56 -0.42 -7.75
CA ARG A 78 3.79 0.90 -8.33
C ARG A 78 4.87 1.63 -7.53
N ALA A 79 4.98 1.30 -6.24
CA ALA A 79 6.01 1.88 -5.36
C ALA A 79 7.38 1.21 -5.51
N SER A 80 7.51 0.30 -6.47
CA SER A 80 8.76 -0.41 -6.72
C SER A 80 9.25 -1.20 -5.51
N CYS A 81 8.32 -1.78 -4.75
CA CYS A 81 8.68 -2.63 -3.61
C CYS A 81 9.13 -4.04 -4.00
N PHE A 82 8.83 -4.49 -5.23
CA PHE A 82 9.09 -5.87 -5.61
C PHE A 82 10.25 -5.99 -6.59
N LYS A 83 11.07 -7.01 -6.35
CA LYS A 83 11.99 -7.52 -7.37
C LYS A 83 11.21 -8.54 -8.16
N VAL A 84 11.00 -8.25 -9.44
CA VAL A 84 10.17 -9.09 -10.33
C VAL A 84 11.05 -9.95 -11.23
N THR A 85 10.86 -11.27 -11.17
CA THR A 85 11.56 -12.20 -12.04
C THR A 85 10.63 -12.60 -13.19
N LYS A 86 10.99 -12.19 -14.41
CA LYS A 86 10.26 -12.57 -15.61
C LYS A 86 10.57 -14.02 -15.95
N ARG A 87 9.56 -14.71 -16.48
CA ARG A 87 9.71 -16.07 -16.94
C ARG A 87 9.02 -16.19 -18.29
N ASP A 88 9.71 -16.74 -19.27
CA ASP A 88 9.17 -16.76 -20.63
C ASP A 88 7.86 -17.51 -20.69
N GLU A 89 6.86 -16.85 -21.28
CA GLU A 89 5.55 -17.45 -21.52
C GLU A 89 4.87 -17.85 -20.21
N ASP A 90 5.22 -17.20 -19.10
CA ASP A 90 4.63 -17.57 -17.83
C ASP A 90 4.50 -16.39 -16.86
N SER A 91 3.79 -16.62 -15.77
N SER A 91 3.78 -16.60 -15.76
CA SER A 91 3.61 -15.63 -14.71
CA SER A 91 3.60 -15.56 -14.78
C SER A 91 4.95 -15.23 -14.09
C SER A 91 4.93 -15.22 -14.10
N SER A 92 5.19 -13.93 -13.95
CA SER A 92 6.36 -13.46 -13.26
C SER A 92 6.28 -13.83 -11.76
N LEU A 93 7.45 -13.94 -11.14
CA LEU A 93 7.52 -14.11 -9.70
C LEU A 93 7.97 -12.84 -9.02
N MET A 94 7.49 -12.61 -7.81
CA MET A 94 7.80 -11.40 -7.08
C MET A 94 8.38 -11.68 -5.71
N GLN A 95 9.47 -10.98 -5.41
CA GLN A 95 10.05 -10.96 -4.09
C GLN A 95 10.00 -9.54 -3.55
N LEU A 96 9.90 -9.40 -2.25
CA LEU A 96 10.07 -8.09 -1.65
C LEU A 96 11.54 -7.71 -1.77
N LYS A 97 11.83 -6.50 -2.22
CA LYS A 97 13.22 -6.05 -2.13
C LYS A 97 13.71 -6.11 -0.70
N GLU A 98 15.00 -6.45 -0.52
CA GLU A 98 15.58 -6.62 0.81
C GLU A 98 15.35 -5.42 1.74
N GLU A 99 15.43 -4.21 1.18
CA GLU A 99 15.26 -2.99 1.98
C GLU A 99 13.84 -2.80 2.54
N PHE A 100 12.87 -3.51 1.98
CA PHE A 100 11.48 -3.40 2.45
C PHE A 100 10.98 -4.62 3.22
N ARG A 101 11.90 -5.43 3.76
CA ARG A 101 11.51 -6.66 4.45
C ARG A 101 11.29 -6.50 5.96
N SER A 102 10.87 -5.32 6.38
CA SER A 102 10.35 -5.08 7.72
C SER A 102 9.07 -4.24 7.60
N TYR A 103 8.19 -4.30 8.60
CA TYR A 103 6.95 -3.53 8.54
C TYR A 103 7.24 -2.04 8.48
N GLU A 104 8.16 -1.56 9.31
CA GLU A 104 8.46 -0.11 9.31
C GLU A 104 8.86 0.38 7.91
N ALA A 105 9.76 -0.33 7.25
CA ALA A 105 10.25 0.05 5.95
C ALA A 105 9.18 -0.09 4.86
N LEU A 106 8.45 -1.21 4.88
CA LEU A 106 7.42 -1.41 3.88
C LEU A 106 6.30 -0.39 4.03
N ARG A 107 5.87 -0.17 5.27
CA ARG A 107 4.79 0.78 5.54
C ARG A 107 5.20 2.20 5.13
N ARG A 108 6.45 2.57 5.39
CA ARG A 108 6.92 3.90 4.99
C ARG A 108 6.86 4.06 3.48
N GLU A 109 7.28 3.04 2.72
CA GLU A 109 7.26 3.13 1.27
C GLU A 109 5.83 3.20 0.74
N HIS A 110 4.96 2.41 1.36
CA HIS A 110 3.54 2.42 1.03
C HIS A 110 2.94 3.82 1.23
N ASP A 111 3.17 4.41 2.39
CA ASP A 111 2.66 5.73 2.69
C ASP A 111 3.23 6.77 1.73
N ALA A 112 4.53 6.67 1.45
CA ALA A 112 5.19 7.60 0.52
C ALA A 112 4.59 7.52 -0.89
N GLN A 113 4.22 6.32 -1.33
CA GLN A 113 3.59 6.16 -2.61
C GLN A 113 2.22 6.87 -2.67
N ILE A 114 1.44 6.80 -1.60
CA ILE A 114 0.15 7.51 -1.60
C ILE A 114 0.39 9.03 -1.60
N VAL A 115 1.36 9.51 -0.83
CA VAL A 115 1.70 10.94 -0.84
C VAL A 115 2.17 11.35 -2.25
N HIS A 116 2.96 10.52 -2.87
CA HIS A 116 3.39 10.78 -4.24
C HIS A 116 2.22 10.90 -5.20
N ILE A 117 1.24 10.02 -5.07
CA ILE A 117 0.04 10.10 -5.89
C ILE A 117 -0.67 11.43 -5.64
N ALA A 118 -0.78 11.86 -4.38
CA ALA A 118 -1.38 13.16 -4.05
C ALA A 118 -0.63 14.27 -4.80
N MET A 119 0.69 14.19 -4.79
CA MET A 119 1.52 15.19 -5.47
C MET A 119 1.30 15.16 -6.97
N GLU A 120 1.22 13.96 -7.55
CA GLU A 120 0.90 13.81 -8.97
C GLU A 120 -0.43 14.48 -9.33
N ALA A 121 -1.41 14.37 -8.43
CA ALA A 121 -2.75 14.91 -8.60
C ALA A 121 -2.90 16.38 -8.18
N GLY A 122 -1.81 16.99 -7.71
CA GLY A 122 -1.84 18.41 -7.34
C GLY A 122 -2.53 18.69 -6.00
N LEU A 123 -2.53 17.70 -5.11
CA LEU A 123 -3.26 17.81 -3.86
C LEU A 123 -2.33 18.12 -2.69
N ARG A 124 -2.58 19.23 -2.00
CA ARG A 124 -1.76 19.63 -0.88
C ARG A 124 -2.49 19.30 0.42
N ILE A 125 -2.02 18.25 1.09
CA ILE A 125 -2.68 17.70 2.25
C ILE A 125 -1.72 17.84 3.42
N SER A 126 -2.21 18.34 4.55
CA SER A 126 -1.37 18.55 5.74
C SER A 126 -0.96 17.24 6.42
N PRO A 127 0.17 17.23 7.14
CA PRO A 127 0.51 16.05 7.94
C PRO A 127 -0.60 15.58 8.87
N GLU A 128 -1.35 16.51 9.48
CA GLU A 128 -2.49 16.19 10.32
C GLU A 128 -3.51 15.39 9.54
N GLN A 129 -3.91 15.89 8.37
CA GLN A 129 -4.90 15.16 7.58
C GLN A 129 -4.34 13.82 7.09
N TRP A 130 -3.06 13.79 6.71
CA TRP A 130 -2.44 12.51 6.30
C TRP A 130 -2.51 11.47 7.41
N SER A 131 -2.25 11.90 8.64
CA SER A 131 -2.28 10.98 9.79
C SER A 131 -3.69 10.41 9.94
N SER A 132 -4.68 11.31 9.84
CA SER A 132 -6.07 10.90 9.94
C SER A 132 -6.42 9.91 8.83
N LEU A 133 -6.02 10.24 7.61
CA LEU A 133 -6.35 9.44 6.42
C LEU A 133 -5.78 8.04 6.49
N LEU A 134 -4.50 7.96 6.82
CA LEU A 134 -3.76 6.69 6.71
C LEU A 134 -3.72 5.88 8.00
N TYR A 135 -3.92 6.55 9.13
CA TYR A 135 -3.88 5.90 10.45
C TYR A 135 -5.14 5.99 11.31
N GLY A 136 -6.07 6.89 10.96
CA GLY A 136 -7.28 7.10 11.76
C GLY A 136 -7.03 7.74 13.11
N ASP A 137 -5.91 8.45 13.25
CA ASP A 137 -5.59 9.17 14.47
C ASP A 137 -4.73 10.37 14.09
N LEU A 138 -4.41 11.21 15.06
CA LEU A 138 -3.56 12.36 14.80
C LEU A 138 -2.16 12.14 15.38
N ALA A 139 -1.82 10.88 15.67
CA ALA A 139 -0.54 10.50 16.29
C ALA A 139 0.62 10.22 15.31
N HIS A 140 0.34 10.28 14.02
CA HIS A 140 1.35 9.93 13.01
C HIS A 140 1.73 11.15 12.17
N LYS A 141 1.48 12.34 12.71
CA LYS A 141 1.83 13.59 12.01
C LYS A 141 3.32 13.70 11.70
N SER A 142 4.18 13.40 12.68
CA SER A 142 5.63 13.52 12.48
C SER A 142 6.15 12.54 11.41
N HIS A 143 5.62 11.33 11.43
CA HIS A 143 5.89 10.33 10.42
C HIS A 143 5.53 10.81 9.02
N MET A 144 4.32 11.36 8.87
CA MET A 144 3.89 11.85 7.56
C MET A 144 4.69 13.07 7.12
N GLN A 145 5.00 13.94 8.07
CA GLN A 145 5.89 15.10 7.83
C GLN A 145 7.27 14.67 7.28
N SER A 146 7.86 13.65 7.89
CA SER A 146 9.12 13.09 7.42
C SER A 146 9.01 12.60 5.98
N ILE A 147 7.95 11.86 5.69
CA ILE A 147 7.72 11.37 4.34
C ILE A 147 7.60 12.53 3.36
N ILE A 148 6.80 13.54 3.72
CA ILE A 148 6.60 14.69 2.84
C ILE A 148 7.94 15.38 2.56
N ASP A 149 8.72 15.60 3.59
CA ASP A 149 10.00 16.31 3.44
C ASP A 149 11.06 15.55 2.66
N LYS A 150 11.02 14.22 2.70
CA LYS A 150 11.92 13.41 1.90
C LYS A 150 11.49 13.24 0.43
N LEU A 151 10.21 13.47 0.15
N LEU A 151 10.22 13.47 0.11
CA LEU A 151 9.67 13.47 -1.21
CA LEU A 151 9.77 13.39 -1.29
C LEU A 151 10.01 14.77 -1.95
C LEU A 151 10.16 14.65 -2.08
C1 GOL C . -13.34 1.96 3.71
O1 GOL C . -14.13 2.98 4.34
C2 GOL C . -13.43 2.13 2.18
O2 GOL C . -14.62 1.51 1.70
C3 GOL C . -12.20 1.50 1.52
O3 GOL C . -12.19 1.74 0.11
C1 GOL D . 4.58 19.69 5.57
O1 GOL D . 3.93 20.95 5.81
C2 GOL D . 6.08 19.82 5.80
O2 GOL D . 6.30 20.17 7.17
C3 GOL D . 6.69 20.89 4.90
O3 GOL D . 8.07 21.11 5.27
C1 GOL E . 7.65 -3.65 -9.12
O1 GOL E . 7.49 -3.34 -7.74
C2 GOL E . 8.75 -2.77 -9.70
O2 GOL E . 9.91 -2.83 -8.85
C3 GOL E . 9.06 -3.23 -11.13
O3 GOL E . 9.59 -4.56 -11.13
C1 GOL F . 6.82 5.54 -4.11
O1 GOL F . 7.10 5.01 -2.80
C2 GOL F . 7.14 7.02 -4.27
O2 GOL F . 7.78 7.57 -3.12
C3 GOL F . 8.05 7.25 -5.47
O3 GOL F . 9.35 6.74 -5.14
#